data_9GC8
#
_entry.id   9GC8
#
_cell.length_a   92.150
_cell.length_b   75.630
_cell.length_c   37.630
_cell.angle_alpha   90.000
_cell.angle_beta   104.042
_cell.angle_gamma   90.000
#
_symmetry.space_group_name_H-M   'C 1 2 1'
#
loop_
_entity.id
_entity.type
_entity.pdbx_description
1 polymer '2-C-methyl-D-erythritol 4-phosphate cytidylyltransferase'
2 non-polymer 'methyl 2-[(5~{R})-6-methyl-7-oxidanylidene-5~{H}-pyrrolo[3,4-b]pyridin-5-yl]ethanoate'
3 water water
#
_entity_poly.entity_id   1
_entity_poly.type   'polypeptide(L)'
_entity_poly.pdbx_seq_one_letter_code
;MGSSHHHHHHSSGLVPRGSHMTTSDLPAFWTVIPAAGVGSRMRADRPKQYLDLAGRTVIERTLDCFLEHPMLRGLVVCLA
EDDPYWPGLDCAASRHVQRAAGGAERAGSVLNGLLRLLELGAQADDWVLVHDAARPNLTRGDLDRLLEELAEDPVGGLLA
VPARDTLKRSDRDGRVSETIDRSVVWLAYTPQMFRLGALHRALADALVAGVAITDEASAMEWAGYAPKLVEGRADNLKIT
TPEDLLRLQRSFPHLE
;
_entity_poly.pdbx_strand_id   A
#
# COMPACT_ATOMS: atom_id res chain seq x y z
N ASP A 25 -13.10 -11.79 -16.12
CA ASP A 25 -13.41 -10.38 -16.22
C ASP A 25 -12.97 -9.63 -14.97
N LEU A 26 -11.67 -9.43 -14.82
CA LEU A 26 -11.17 -8.63 -13.71
C LEU A 26 -11.38 -7.15 -13.99
N PRO A 27 -11.74 -6.37 -12.97
CA PRO A 27 -12.01 -4.94 -13.22
C PRO A 27 -10.75 -4.16 -13.53
N ALA A 28 -10.91 -3.11 -14.34
CA ALA A 28 -9.85 -2.15 -14.53
C ALA A 28 -9.58 -1.40 -13.24
N PHE A 29 -8.33 -1.00 -13.03
CA PHE A 29 -7.96 -0.36 -11.78
C PHE A 29 -6.77 0.57 -11.99
N TRP A 30 -6.66 1.56 -11.10
CA TRP A 30 -5.47 2.39 -10.95
C TRP A 30 -4.71 1.93 -9.71
N THR A 31 -3.42 2.27 -9.67
CA THR A 31 -2.57 1.91 -8.54
C THR A 31 -1.86 3.16 -8.03
N VAL A 32 -1.82 3.31 -6.71
CA VAL A 32 -1.12 4.39 -6.04
C VAL A 32 -0.11 3.75 -5.09
N ILE A 33 1.17 4.09 -5.28
CA ILE A 33 2.21 3.62 -4.37
C ILE A 33 2.73 4.80 -3.56
N PRO A 34 2.31 4.94 -2.30
CA PRO A 34 2.85 6.04 -1.47
C PRO A 34 4.28 5.74 -1.05
N ALA A 35 5.20 6.65 -1.40
CA ALA A 35 6.62 6.39 -1.19
C ALA A 35 7.39 7.67 -0.87
N ALA A 36 6.75 8.60 -0.17
CA ALA A 36 7.34 9.89 0.17
C ALA A 36 7.93 9.83 1.58
N GLY A 37 8.20 10.98 2.17
CA GLY A 37 8.89 11.02 3.45
C GLY A 37 10.38 10.78 3.38
N VAL A 38 10.94 10.68 2.17
CA VAL A 38 12.37 10.51 2.00
C VAL A 38 13.04 11.89 2.05
N GLY A 39 14.06 12.02 2.89
CA GLY A 39 14.81 13.25 2.94
C GLY A 39 15.55 13.52 1.64
N SER A 40 16.05 14.76 1.51
CA SER A 40 16.81 15.12 0.33
C SER A 40 18.24 14.58 0.35
N ARG A 41 18.71 14.11 1.50
CA ARG A 41 20.08 13.66 1.68
C ARG A 41 20.14 12.13 1.59
N MET A 42 21.08 11.64 0.80
N MET A 42 21.07 11.63 0.79
CA MET A 42 21.38 10.21 0.80
CA MET A 42 21.35 10.20 0.80
C MET A 42 22.02 9.82 2.12
C MET A 42 22.02 9.82 2.11
N ARG A 43 21.63 8.66 2.65
CA ARG A 43 22.13 8.20 3.94
C ARG A 43 22.58 6.75 3.84
N ALA A 44 23.61 6.43 4.64
CA ALA A 44 24.07 5.05 4.70
C ALA A 44 22.94 4.11 5.11
N ASP A 45 22.12 4.54 6.07
CA ASP A 45 20.88 3.86 6.45
C ASP A 45 19.79 4.29 5.48
N ARG A 46 19.78 3.64 4.32
CA ARG A 46 18.89 4.03 3.22
C ARG A 46 17.43 3.80 3.61
N PRO A 47 16.51 4.55 3.00
CA PRO A 47 15.09 4.20 3.11
C PRO A 47 14.85 2.78 2.63
N LYS A 48 13.94 2.09 3.32
CA LYS A 48 13.77 0.66 3.06
C LYS A 48 13.39 0.39 1.60
N GLN A 49 12.67 1.31 0.96
CA GLN A 49 12.24 1.10 -0.41
C GLN A 49 13.39 1.13 -1.42
N TYR A 50 14.58 1.54 -1.00
CA TYR A 50 15.74 1.63 -1.88
C TYR A 50 16.84 0.64 -1.54
N LEU A 51 16.57 -0.29 -0.62
CA LEU A 51 17.51 -1.36 -0.31
C LEU A 51 17.56 -2.38 -1.45
N ASP A 52 18.66 -3.11 -1.50
CA ASP A 52 18.85 -4.10 -2.55
C ASP A 52 18.11 -5.40 -2.21
N LEU A 53 17.35 -5.91 -3.18
CA LEU A 53 16.66 -7.18 -3.04
C LEU A 53 17.03 -8.02 -4.27
N ALA A 54 18.11 -8.78 -4.14
CA ALA A 54 18.60 -9.65 -5.22
C ALA A 54 18.89 -8.85 -6.49
N GLY A 55 19.62 -7.75 -6.34
CA GLY A 55 20.09 -7.00 -7.48
C GLY A 55 19.20 -5.87 -7.95
N ARG A 56 18.01 -5.71 -7.37
CA ARG A 56 17.11 -4.62 -7.71
C ARG A 56 16.59 -4.00 -6.41
N THR A 57 16.21 -2.73 -6.48
CA THR A 57 15.68 -2.08 -5.29
C THR A 57 14.32 -2.66 -4.92
N VAL A 58 13.98 -2.54 -3.64
CA VAL A 58 12.69 -3.01 -3.16
C VAL A 58 11.56 -2.41 -4.00
N ILE A 59 11.60 -1.08 -4.18
CA ILE A 59 10.47 -0.43 -4.82
C ILE A 59 10.36 -0.83 -6.30
N GLU A 60 11.50 -1.08 -6.96
CA GLU A 60 11.43 -1.56 -8.34
C GLU A 60 10.72 -2.91 -8.39
N ARG A 61 10.99 -3.78 -7.43
CA ARG A 61 10.29 -5.06 -7.42
C ARG A 61 8.83 -4.89 -7.01
N THR A 62 8.53 -3.88 -6.21
CA THR A 62 7.12 -3.62 -5.88
C THR A 62 6.34 -3.19 -7.11
N LEU A 63 6.92 -2.32 -7.93
CA LEU A 63 6.24 -1.89 -9.15
C LEU A 63 6.04 -3.05 -10.12
N ASP A 64 7.00 -3.99 -10.15
CA ASP A 64 6.88 -5.19 -10.98
C ASP A 64 5.60 -5.97 -10.69
N CYS A 65 5.04 -5.83 -9.49
CA CYS A 65 3.83 -6.55 -9.13
C CYS A 65 2.60 -6.04 -9.85
N PHE A 66 2.64 -4.82 -10.40
CA PHE A 66 1.48 -4.21 -11.04
C PHE A 66 1.68 -3.88 -12.52
N LEU A 67 2.89 -3.48 -12.92
CA LEU A 67 3.08 -2.77 -14.19
C LEU A 67 2.63 -3.57 -15.39
N GLU A 68 2.72 -4.89 -15.32
CA GLU A 68 2.37 -5.73 -16.47
C GLU A 68 0.92 -6.21 -16.44
N HIS A 69 0.15 -5.84 -15.44
CA HIS A 69 -1.22 -6.35 -15.35
C HIS A 69 -2.06 -5.76 -16.47
N PRO A 70 -2.74 -6.60 -17.26
CA PRO A 70 -3.52 -6.08 -18.39
C PRO A 70 -4.65 -5.12 -17.99
N MET A 71 -5.11 -5.16 -16.75
CA MET A 71 -6.21 -4.28 -16.35
C MET A 71 -5.73 -3.01 -15.67
N LEU A 72 -4.42 -2.80 -15.56
CA LEU A 72 -3.89 -1.59 -14.95
C LEU A 72 -4.09 -0.41 -15.89
N ARG A 73 -4.88 0.57 -15.46
CA ARG A 73 -5.08 1.78 -16.23
C ARG A 73 -3.91 2.76 -16.08
N GLY A 74 -3.17 2.68 -14.99
CA GLY A 74 -2.08 3.60 -14.73
C GLY A 74 -1.61 3.51 -13.30
N LEU A 75 -0.33 3.81 -13.06
CA LEU A 75 0.27 3.70 -11.75
C LEU A 75 0.92 5.02 -11.39
N VAL A 76 0.73 5.46 -10.15
CA VAL A 76 1.29 6.70 -9.64
C VAL A 76 2.10 6.38 -8.39
N VAL A 77 3.37 6.81 -8.38
CA VAL A 77 4.21 6.72 -7.19
C VAL A 77 4.26 8.11 -6.56
N CYS A 78 4.01 8.18 -5.26
CA CYS A 78 4.08 9.45 -4.53
C CYS A 78 5.47 9.57 -3.92
N LEU A 79 6.16 10.68 -4.24
CA LEU A 79 7.56 10.84 -3.89
C LEU A 79 7.83 12.25 -3.40
N ALA A 80 8.80 12.37 -2.50
CA ALA A 80 9.33 13.68 -2.17
C ALA A 80 9.95 14.32 -3.41
N GLU A 81 9.75 15.63 -3.56
CA GLU A 81 10.26 16.31 -4.75
C GLU A 81 11.78 16.21 -4.86
N ASP A 82 12.47 16.11 -3.74
CA ASP A 82 13.93 16.08 -3.71
C ASP A 82 14.49 14.69 -3.42
N ASP A 83 13.71 13.65 -3.74
CA ASP A 83 14.13 12.26 -3.51
C ASP A 83 15.44 12.00 -4.26
N PRO A 84 16.54 11.70 -3.56
CA PRO A 84 17.84 11.56 -4.24
C PRO A 84 18.08 10.19 -4.83
N TYR A 85 17.27 9.19 -4.48
CA TYR A 85 17.47 7.83 -4.97
C TYR A 85 16.66 7.54 -6.22
N TRP A 86 15.46 8.11 -6.31
CA TRP A 86 14.55 7.80 -7.41
C TRP A 86 15.13 8.09 -8.78
N PRO A 87 15.73 9.26 -9.06
CA PRO A 87 16.22 9.54 -10.42
C PRO A 87 17.28 8.57 -10.93
N GLY A 88 17.87 7.74 -10.08
CA GLY A 88 18.82 6.76 -10.56
C GLY A 88 18.22 5.45 -11.02
N LEU A 89 16.92 5.24 -10.83
CA LEU A 89 16.29 3.96 -11.13
C LEU A 89 15.68 3.98 -12.53
N ASP A 90 15.63 2.79 -13.14
N ASP A 90 15.60 2.80 -13.15
CA ASP A 90 15.07 2.65 -14.48
CA ASP A 90 15.08 2.74 -14.51
C ASP A 90 13.64 3.16 -14.55
C ASP A 90 13.61 3.14 -14.57
N CYS A 91 12.84 2.85 -13.52
CA CYS A 91 11.43 3.24 -13.53
C CYS A 91 11.24 4.75 -13.43
N ALA A 92 12.28 5.49 -13.03
CA ALA A 92 12.17 6.95 -13.03
C ALA A 92 12.10 7.53 -14.43
N ALA A 93 12.48 6.76 -15.46
CA ALA A 93 12.42 7.19 -16.84
C ALA A 93 11.43 6.35 -17.65
N SER A 94 10.44 5.77 -16.98
CA SER A 94 9.42 4.95 -17.61
C SER A 94 8.12 5.74 -17.74
N ARG A 95 7.57 5.78 -18.95
CA ARG A 95 6.29 6.43 -19.18
C ARG A 95 5.14 5.67 -18.52
N HIS A 96 5.35 4.41 -18.15
CA HIS A 96 4.35 3.60 -17.48
C HIS A 96 4.26 3.90 -15.99
N VAL A 97 5.06 4.83 -15.47
CA VAL A 97 5.10 5.14 -14.05
C VAL A 97 4.92 6.64 -13.90
N GLN A 98 3.78 7.06 -13.36
N GLN A 98 3.78 7.05 -13.35
CA GLN A 98 3.54 8.47 -13.11
CA GLN A 98 3.52 8.45 -13.09
C GLN A 98 3.99 8.83 -11.70
C GLN A 98 3.99 8.83 -11.70
N ARG A 99 4.13 10.14 -11.46
CA ARG A 99 4.68 10.66 -10.24
C ARG A 99 3.76 11.71 -9.64
N ALA A 100 3.60 11.67 -8.31
CA ALA A 100 2.89 12.69 -7.56
C ALA A 100 3.75 13.15 -6.39
N ALA A 101 3.45 14.34 -5.90
CA ALA A 101 4.23 14.95 -4.82
C ALA A 101 3.79 14.44 -3.46
N GLY A 102 4.76 14.16 -2.60
CA GLY A 102 4.45 13.70 -1.26
C GLY A 102 3.73 14.74 -0.44
N GLY A 103 3.03 14.26 0.59
CA GLY A 103 2.31 15.12 1.52
C GLY A 103 3.04 15.24 2.86
N ALA A 104 2.33 15.83 3.82
CA ALA A 104 2.87 15.96 5.17
C ALA A 104 2.85 14.65 5.93
N GLU A 105 1.89 13.76 5.60
CA GLU A 105 1.82 12.41 6.15
C GLU A 105 1.45 11.47 5.01
N ARG A 106 1.40 10.17 5.31
CA ARG A 106 1.09 9.19 4.28
C ARG A 106 -0.27 9.45 3.65
N ALA A 107 -1.28 9.78 4.46
CA ALA A 107 -2.60 10.06 3.93
C ALA A 107 -2.57 11.18 2.90
N GLY A 108 -1.90 12.29 3.24
CA GLY A 108 -1.79 13.39 2.30
C GLY A 108 -1.09 13.01 1.02
N SER A 109 -0.08 12.13 1.12
CA SER A 109 0.60 11.65 -0.09
C SER A 109 -0.31 10.78 -0.94
N VAL A 110 -1.06 9.87 -0.30
CA VAL A 110 -2.10 9.12 -1.02
C VAL A 110 -3.09 10.07 -1.65
N LEU A 111 -3.54 11.08 -0.90
CA LEU A 111 -4.44 12.08 -1.45
C LEU A 111 -3.88 12.72 -2.70
N ASN A 112 -2.59 13.10 -2.67
CA ASN A 112 -2.00 13.71 -3.85
C ASN A 112 -1.96 12.73 -5.01
N GLY A 113 -1.76 11.45 -4.71
CA GLY A 113 -1.82 10.43 -5.75
C GLY A 113 -3.19 10.36 -6.41
N LEU A 114 -4.25 10.46 -5.60
CA LEU A 114 -5.60 10.50 -6.16
C LEU A 114 -5.77 11.68 -7.10
N LEU A 115 -5.29 12.86 -6.67
CA LEU A 115 -5.37 14.04 -7.53
C LEU A 115 -4.61 13.83 -8.82
N ARG A 116 -3.48 13.13 -8.77
CA ARG A 116 -2.72 12.84 -9.98
C ARG A 116 -3.50 11.91 -10.90
N LEU A 117 -4.18 10.91 -10.33
CA LEU A 117 -5.02 10.04 -11.15
C LEU A 117 -6.14 10.83 -11.83
N LEU A 118 -6.69 11.83 -11.14
CA LEU A 118 -7.74 12.63 -11.74
C LEU A 118 -7.23 13.43 -12.94
N GLU A 119 -5.97 13.85 -12.90
CA GLU A 119 -5.36 14.51 -14.06
C GLU A 119 -5.12 13.53 -15.20
N LEU A 120 -4.95 12.25 -14.90
CA LEU A 120 -4.67 11.22 -15.91
C LEU A 120 -5.94 10.61 -16.48
N GLY A 121 -7.10 11.20 -16.20
CA GLY A 121 -8.35 10.73 -16.76
C GLY A 121 -9.12 9.75 -15.90
N ALA A 122 -8.76 9.60 -14.63
CA ALA A 122 -9.46 8.68 -13.77
C ALA A 122 -10.86 9.20 -13.44
N GLN A 123 -11.80 8.27 -13.27
CA GLN A 123 -13.18 8.59 -12.98
C GLN A 123 -13.51 8.27 -11.53
N ALA A 124 -14.50 9.00 -10.99
CA ALA A 124 -14.81 8.87 -9.57
C ALA A 124 -15.19 7.43 -9.19
N ASP A 125 -15.78 6.68 -10.12
CA ASP A 125 -16.20 5.31 -9.87
C ASP A 125 -15.12 4.28 -10.23
N ASP A 126 -13.93 4.73 -10.59
CA ASP A 126 -12.84 3.80 -10.89
C ASP A 126 -12.25 3.23 -9.60
N TRP A 127 -11.92 1.94 -9.64
CA TRP A 127 -11.22 1.29 -8.54
C TRP A 127 -9.79 1.81 -8.42
N VAL A 128 -9.34 2.03 -7.19
CA VAL A 128 -7.95 2.40 -6.92
C VAL A 128 -7.39 1.41 -5.91
N LEU A 129 -6.17 0.94 -6.16
CA LEU A 129 -5.43 0.09 -5.25
C LEU A 129 -4.27 0.89 -4.68
N VAL A 130 -4.20 1.00 -3.36
CA VAL A 130 -3.07 1.63 -2.68
C VAL A 130 -2.24 0.52 -2.04
N HIS A 131 -0.93 0.55 -2.27
CA HIS A 131 -0.06 -0.55 -1.86
C HIS A 131 1.22 0.01 -1.25
N ASP A 132 1.74 -0.68 -0.24
CA ASP A 132 2.98 -0.25 0.41
C ASP A 132 4.15 -0.36 -0.56
N ALA A 133 5.00 0.65 -0.59
CA ALA A 133 6.20 0.59 -1.42
C ALA A 133 7.16 -0.50 -0.96
N ALA A 134 7.14 -0.86 0.32
CA ALA A 134 8.06 -1.87 0.84
C ALA A 134 7.40 -3.24 0.98
N ARG A 135 6.40 -3.52 0.15
CA ARG A 135 5.85 -4.87 0.03
C ARG A 135 6.14 -5.39 -1.38
N PRO A 136 7.36 -5.86 -1.65
CA PRO A 136 7.71 -6.29 -3.00
C PRO A 136 7.35 -7.74 -3.34
N ASN A 137 6.76 -8.50 -2.42
CA ASN A 137 6.49 -9.91 -2.65
C ASN A 137 5.02 -10.18 -2.93
N LEU A 138 4.30 -9.19 -3.44
CA LEU A 138 2.89 -9.37 -3.80
C LEU A 138 2.77 -10.26 -5.03
N THR A 139 2.17 -11.43 -4.86
CA THR A 139 2.03 -12.35 -5.98
C THR A 139 0.83 -11.99 -6.84
N ARG A 140 0.91 -12.37 -8.12
CA ARG A 140 -0.19 -12.14 -9.04
C ARG A 140 -1.48 -12.81 -8.59
N GLY A 141 -1.37 -13.96 -7.92
CA GLY A 141 -2.56 -14.62 -7.41
C GLY A 141 -3.32 -13.76 -6.42
N ASP A 142 -2.61 -13.20 -5.44
CA ASP A 142 -3.24 -12.33 -4.46
C ASP A 142 -3.87 -11.11 -5.13
N LEU A 143 -3.11 -10.47 -6.02
CA LEU A 143 -3.62 -9.29 -6.72
C LEU A 143 -4.90 -9.60 -7.47
N ASP A 144 -4.92 -10.70 -8.23
CA ASP A 144 -6.12 -11.07 -8.99
C ASP A 144 -7.24 -11.49 -8.06
N ARG A 145 -6.91 -12.15 -6.94
CA ARG A 145 -7.92 -12.54 -5.97
C ARG A 145 -8.61 -11.32 -5.38
N LEU A 146 -7.82 -10.34 -4.93
CA LEU A 146 -8.39 -9.09 -4.44
C LEU A 146 -9.31 -8.46 -5.48
N LEU A 147 -8.88 -8.44 -6.75
CA LEU A 147 -9.65 -7.77 -7.80
C LEU A 147 -10.97 -8.48 -8.08
N GLU A 148 -10.97 -9.81 -8.11
CA GLU A 148 -12.18 -10.54 -8.44
C GLU A 148 -13.20 -10.54 -7.30
N GLU A 149 -12.74 -10.52 -6.05
CA GLU A 149 -13.67 -10.64 -4.93
C GLU A 149 -14.37 -9.32 -4.63
N LEU A 150 -13.74 -8.20 -4.98
CA LEU A 150 -14.26 -6.89 -4.65
C LEU A 150 -14.86 -6.17 -5.85
N ALA A 151 -14.83 -6.78 -7.04
CA ALA A 151 -15.16 -6.07 -8.28
C ALA A 151 -16.54 -5.44 -8.22
N GLU A 152 -17.49 -6.12 -7.59
CA GLU A 152 -18.86 -5.63 -7.48
C GLU A 152 -19.25 -5.33 -6.03
N ASP A 153 -18.26 -5.04 -5.18
CA ASP A 153 -18.53 -4.64 -3.80
C ASP A 153 -18.92 -3.17 -3.75
N PRO A 154 -19.85 -2.80 -2.86
CA PRO A 154 -20.25 -1.39 -2.77
C PRO A 154 -19.18 -0.46 -2.20
N VAL A 155 -18.19 -0.94 -1.44
CA VAL A 155 -17.19 -0.08 -0.84
C VAL A 155 -15.78 -0.44 -1.29
N GLY A 156 -15.44 -1.74 -1.24
CA GLY A 156 -14.11 -2.24 -1.49
C GLY A 156 -13.61 -3.09 -0.37
N GLY A 157 -12.29 -3.17 -0.23
CA GLY A 157 -11.69 -4.03 0.78
C GLY A 157 -10.18 -4.01 0.71
N LEU A 158 -9.57 -5.04 1.31
CA LEU A 158 -8.12 -5.09 1.50
C LEU A 158 -7.66 -6.52 1.66
N LEU A 159 -6.40 -6.78 1.27
CA LEU A 159 -5.76 -8.04 1.60
C LEU A 159 -5.46 -8.10 3.08
N ALA A 160 -5.56 -9.31 3.65
CA ALA A 160 -5.34 -9.47 5.08
C ALA A 160 -5.03 -10.92 5.36
N VAL A 161 -4.42 -11.17 6.51
CA VAL A 161 -3.95 -12.50 6.90
C VAL A 161 -4.45 -12.80 8.31
N PRO A 162 -4.95 -13.99 8.59
CA PRO A 162 -5.40 -14.31 9.95
C PRO A 162 -4.24 -14.24 10.94
N ALA A 163 -4.52 -13.72 12.12
CA ALA A 163 -3.51 -13.70 13.18
C ALA A 163 -3.21 -15.14 13.60
N ARG A 164 -1.93 -15.50 13.62
CA ARG A 164 -1.51 -16.83 14.04
C ARG A 164 -0.84 -16.87 15.40
N ASP A 165 -0.34 -15.74 15.89
N ASP A 165 -0.35 -15.74 15.90
CA ASP A 165 0.29 -15.68 17.20
CA ASP A 165 0.31 -15.71 17.20
C ASP A 165 -0.76 -15.55 18.29
C ASP A 165 -0.74 -15.51 18.30
N THR A 166 -0.45 -16.09 19.47
CA THR A 166 -1.34 -15.93 20.61
C THR A 166 -1.36 -14.47 21.07
N LEU A 167 -2.54 -13.90 21.23
CA LEU A 167 -2.70 -12.47 21.49
C LEU A 167 -3.25 -12.25 22.89
N LYS A 168 -2.56 -11.42 23.66
CA LYS A 168 -2.93 -11.12 25.04
C LYS A 168 -3.30 -9.65 25.16
N ARG A 169 -4.40 -9.38 25.86
CA ARG A 169 -4.78 -8.02 26.19
C ARG A 169 -4.16 -7.64 27.53
N SER A 170 -3.61 -6.42 27.60
CA SER A 170 -2.94 -5.94 28.78
C SER A 170 -3.88 -5.01 29.56
N ASP A 171 -3.95 -5.21 30.88
CA ASP A 171 -4.68 -4.28 31.74
C ASP A 171 -3.78 -3.08 32.02
N ARG A 172 -4.19 -2.19 32.91
CA ARG A 172 -3.41 -0.98 33.14
C ARG A 172 -2.14 -1.23 33.93
N ASP A 173 -2.00 -2.38 34.59
CA ASP A 173 -0.81 -2.72 35.36
C ASP A 173 0.13 -3.64 34.59
N GLY A 174 -0.11 -3.84 33.30
CA GLY A 174 0.73 -4.71 32.51
C GLY A 174 0.51 -6.19 32.71
N ARG A 175 -0.62 -6.59 33.29
CA ARG A 175 -0.94 -7.99 33.46
C ARG A 175 -2.01 -8.41 32.45
N VAL A 176 -2.01 -9.69 32.09
CA VAL A 176 -2.93 -10.20 31.10
C VAL A 176 -4.35 -10.08 31.63
N SER A 177 -5.20 -9.32 30.93
CA SER A 177 -6.62 -9.27 31.25
C SER A 177 -7.40 -10.36 30.53
N GLU A 178 -6.98 -10.76 29.33
CA GLU A 178 -7.63 -11.82 28.60
C GLU A 178 -6.72 -12.25 27.45
N THR A 179 -6.88 -13.49 27.02
CA THR A 179 -6.34 -13.95 25.75
C THR A 179 -7.39 -13.68 24.67
N ILE A 180 -7.04 -12.82 23.72
CA ILE A 180 -7.98 -12.41 22.68
C ILE A 180 -8.30 -13.60 21.79
N ASP A 181 -9.56 -13.74 21.43
CA ASP A 181 -9.99 -14.73 20.45
C ASP A 181 -9.43 -14.34 19.09
N ARG A 182 -8.31 -14.92 18.70
CA ARG A 182 -7.69 -14.54 17.43
C ARG A 182 -8.40 -15.12 16.23
N SER A 183 -9.46 -15.92 16.42
CA SER A 183 -10.18 -16.46 15.28
C SER A 183 -10.87 -15.37 14.48
N VAL A 184 -11.02 -14.17 15.04
CA VAL A 184 -11.66 -13.05 14.37
C VAL A 184 -10.69 -11.92 14.10
N VAL A 185 -9.41 -12.09 14.42
CA VAL A 185 -8.43 -11.03 14.29
C VAL A 185 -7.63 -11.25 13.02
N TRP A 186 -7.51 -10.19 12.21
CA TRP A 186 -6.77 -10.23 10.95
C TRP A 186 -5.71 -9.13 10.95
N LEU A 187 -4.52 -9.47 10.46
CA LEU A 187 -3.50 -8.47 10.19
C LEU A 187 -3.81 -7.80 8.86
N ALA A 188 -3.79 -6.46 8.85
CA ALA A 188 -4.11 -5.70 7.65
C ALA A 188 -2.88 -5.59 6.75
N TYR A 189 -3.02 -6.08 5.52
CA TYR A 189 -1.98 -5.98 4.52
C TYR A 189 -2.41 -4.98 3.44
N THR A 190 -1.70 -4.98 2.33
CA THR A 190 -2.04 -4.21 1.14
C THR A 190 -1.83 -5.13 -0.05
N PRO A 191 -2.44 -4.81 -1.21
CA PRO A 191 -3.18 -3.60 -1.56
C PRO A 191 -4.52 -3.46 -0.85
N GLN A 192 -4.96 -2.21 -0.72
CA GLN A 192 -6.31 -1.88 -0.29
C GLN A 192 -7.04 -1.23 -1.47
N MET A 193 -8.27 -1.70 -1.73
CA MET A 193 -8.98 -1.41 -2.97
C MET A 193 -10.28 -0.68 -2.65
N PHE A 194 -10.41 0.55 -3.14
CA PHE A 194 -11.58 1.39 -2.90
C PHE A 194 -11.85 2.26 -4.12
N ARG A 195 -13.08 2.73 -4.25
CA ARG A 195 -13.46 3.63 -5.33
C ARG A 195 -12.79 4.99 -5.15
N LEU A 196 -12.44 5.63 -6.27
CA LEU A 196 -11.67 6.86 -6.21
C LEU A 196 -12.43 7.95 -5.47
N GLY A 197 -13.65 8.24 -5.90
CA GLY A 197 -14.40 9.34 -5.31
C GLY A 197 -14.59 9.18 -3.82
N ALA A 198 -15.00 7.98 -3.40
CA ALA A 198 -15.27 7.74 -1.98
C ALA A 198 -14.00 7.81 -1.14
N LEU A 199 -12.93 7.16 -1.59
CA LEU A 199 -11.68 7.23 -0.85
C LEU A 199 -11.16 8.67 -0.79
N HIS A 200 -11.35 9.42 -1.87
CA HIS A 200 -10.93 10.81 -1.89
C HIS A 200 -11.65 11.59 -0.78
N ARG A 201 -12.96 11.42 -0.65
CA ARG A 201 -13.72 12.13 0.37
C ARG A 201 -13.38 11.65 1.76
N ALA A 202 -13.29 10.33 1.95
CA ALA A 202 -12.92 9.79 3.26
C ALA A 202 -11.58 10.34 3.74
N LEU A 203 -10.55 10.25 2.89
CA LEU A 203 -9.23 10.71 3.29
C LEU A 203 -9.21 12.21 3.55
N ALA A 204 -9.83 12.99 2.66
CA ALA A 204 -9.84 14.44 2.83
C ALA A 204 -10.56 14.84 4.11
N ASP A 205 -11.72 14.24 4.38
CA ASP A 205 -12.52 14.64 5.54
C ASP A 205 -11.86 14.15 6.83
N ALA A 206 -11.29 12.94 6.79
CA ALA A 206 -10.64 12.41 7.99
C ALA A 206 -9.40 13.21 8.36
N LEU A 207 -8.72 13.81 7.38
CA LEU A 207 -7.56 14.64 7.67
C LEU A 207 -7.98 15.92 8.38
N VAL A 208 -8.98 16.63 7.84
CA VAL A 208 -9.42 17.87 8.47
C VAL A 208 -10.10 17.57 9.81
N ALA A 209 -10.74 16.40 9.94
CA ALA A 209 -11.35 16.02 11.21
C ALA A 209 -10.32 15.76 12.30
N GLY A 210 -9.07 15.49 11.94
CA GLY A 210 -8.06 15.12 12.91
C GLY A 210 -7.98 13.65 13.22
N VAL A 211 -8.55 12.78 12.37
CA VAL A 211 -8.50 11.35 12.62
C VAL A 211 -7.06 10.86 12.51
N ALA A 212 -6.69 9.93 13.39
CA ALA A 212 -5.40 9.23 13.30
C ALA A 212 -5.50 8.15 12.23
N ILE A 213 -5.30 8.55 10.99
CA ILE A 213 -5.39 7.63 9.86
C ILE A 213 -4.14 6.77 9.80
N THR A 214 -4.33 5.45 9.82
CA THR A 214 -3.24 4.51 9.56
C THR A 214 -3.21 4.18 8.07
N ASP A 215 -4.07 3.27 7.64
CA ASP A 215 -4.18 2.87 6.24
C ASP A 215 -5.46 3.42 5.65
N GLU A 216 -5.67 3.15 4.35
CA GLU A 216 -6.87 3.63 3.67
C GLU A 216 -8.13 3.04 4.27
N ALA A 217 -8.06 1.79 4.75
CA ALA A 217 -9.23 1.16 5.33
C ALA A 217 -9.67 1.90 6.60
N SER A 218 -8.71 2.38 7.38
CA SER A 218 -9.04 3.14 8.58
C SER A 218 -9.83 4.41 8.25
N ALA A 219 -9.58 5.01 7.08
CA ALA A 219 -10.34 6.19 6.68
C ALA A 219 -11.74 5.83 6.23
N MET A 220 -11.87 4.75 5.45
CA MET A 220 -13.20 4.28 5.07
C MET A 220 -13.99 3.83 6.29
N GLU A 221 -13.32 3.23 7.27
CA GLU A 221 -14.02 2.84 8.50
C GLU A 221 -14.54 4.06 9.24
N TRP A 222 -13.72 5.12 9.35
CA TRP A 222 -14.18 6.34 10.01
C TRP A 222 -15.35 6.96 9.24
N ALA A 223 -15.32 6.88 7.91
CA ALA A 223 -16.40 7.43 7.09
C ALA A 223 -17.67 6.60 7.16
N GLY A 224 -17.63 5.46 7.85
CA GLY A 224 -18.82 4.68 8.13
C GLY A 224 -18.90 3.33 7.42
N TYR A 225 -17.91 3.00 6.59
CA TYR A 225 -17.99 1.79 5.77
C TYR A 225 -17.24 0.63 6.43
N ALA A 226 -17.63 -0.59 6.03
CA ALA A 226 -17.01 -1.81 6.52
C ALA A 226 -16.23 -2.49 5.40
N PRO A 227 -14.91 -2.29 5.29
CA PRO A 227 -14.18 -2.92 4.19
C PRO A 227 -14.21 -4.44 4.28
N LYS A 228 -14.27 -5.09 3.12
CA LYS A 228 -14.27 -6.54 3.06
C LYS A 228 -12.82 -7.05 3.18
N LEU A 229 -12.62 -8.01 4.08
CA LEU A 229 -11.33 -8.66 4.20
C LEU A 229 -11.19 -9.73 3.13
N VAL A 230 -10.10 -9.67 2.35
CA VAL A 230 -9.78 -10.69 1.36
C VAL A 230 -8.49 -11.37 1.82
N GLU A 231 -8.55 -12.69 1.98
CA GLU A 231 -7.41 -13.41 2.54
C GLU A 231 -6.28 -13.50 1.52
N GLY A 232 -5.10 -13.05 1.91
CA GLY A 232 -3.91 -13.14 1.12
C GLY A 232 -2.88 -14.07 1.74
N ARG A 233 -1.73 -14.12 1.07
CA ARG A 233 -0.59 -14.89 1.54
C ARG A 233 0.12 -14.15 2.65
N ALA A 234 0.66 -14.91 3.60
CA ALA A 234 1.33 -14.29 4.73
C ALA A 234 2.71 -13.76 4.34
N ASP A 235 3.34 -14.32 3.30
CA ASP A 235 4.68 -13.87 2.93
C ASP A 235 4.68 -12.61 2.07
N ASN A 236 3.54 -11.95 1.92
CA ASN A 236 3.46 -10.62 1.31
C ASN A 236 3.87 -9.57 2.35
N LEU A 237 5.11 -9.71 2.81
CA LEU A 237 5.53 -8.97 3.99
C LEU A 237 6.00 -7.56 3.62
N LYS A 238 5.94 -6.68 4.60
CA LYS A 238 6.48 -5.33 4.49
C LYS A 238 7.90 -5.32 5.05
N ILE A 239 8.82 -4.67 4.34
CA ILE A 239 10.20 -4.60 4.78
C ILE A 239 10.34 -3.42 5.72
N THR A 240 10.41 -3.72 7.02
CA THR A 240 10.53 -2.72 8.08
C THR A 240 11.89 -2.71 8.75
N THR A 241 12.61 -3.83 8.70
CA THR A 241 13.99 -3.93 9.13
C THR A 241 14.81 -4.56 8.00
N PRO A 242 16.09 -4.22 7.90
CA PRO A 242 16.96 -4.95 6.96
C PRO A 242 16.95 -6.47 7.18
N GLU A 243 16.64 -6.93 8.40
CA GLU A 243 16.45 -8.36 8.64
C GLU A 243 15.32 -8.94 7.81
N ASP A 244 14.25 -8.17 7.59
CA ASP A 244 13.12 -8.66 6.79
C ASP A 244 13.50 -8.94 5.34
N LEU A 245 14.56 -8.31 4.83
CA LEU A 245 15.07 -8.64 3.51
C LEU A 245 15.54 -10.09 3.44
N LEU A 246 16.18 -10.58 4.50
CA LEU A 246 16.71 -11.94 4.47
C LEU A 246 15.64 -12.98 4.21
N ARG A 247 14.41 -12.75 4.68
CA ARG A 247 13.33 -13.69 4.42
C ARG A 247 12.99 -13.75 2.93
N LEU A 248 13.18 -12.63 2.23
CA LEU A 248 12.74 -12.51 0.85
C LEU A 248 13.85 -12.73 -0.16
N GLN A 249 15.11 -12.84 0.28
CA GLN A 249 16.23 -12.85 -0.66
C GLN A 249 16.25 -14.10 -1.53
N ARG A 250 15.51 -15.14 -1.16
CA ARG A 250 15.39 -16.33 -2.00
C ARG A 250 14.05 -16.39 -2.72
N SER A 251 13.24 -15.34 -2.64
CA SER A 251 11.90 -15.35 -3.22
C SER A 251 11.87 -14.86 -4.67
N PHE A 252 13.02 -14.43 -5.21
CA PHE A 252 13.09 -13.93 -6.57
C PHE A 252 14.23 -14.66 -7.28
N PRO A 253 13.98 -15.24 -8.45
CA PRO A 253 12.71 -15.20 -9.20
C PRO A 253 11.62 -16.11 -8.61
#